data_4A2F
#
_entry.id   4A2F
#
_cell.length_a   56.050
_cell.length_b   85.500
_cell.length_c   151.600
_cell.angle_alpha   90.00
_cell.angle_beta   90.00
_cell.angle_gamma   90.00
#
_symmetry.space_group_name_H-M   'P 21 21 21'
#
loop_
_entity.id
_entity.type
_entity.pdbx_description
1 polymer LACCASE
2 branched 2-acetamido-2-deoxy-beta-D-glucopyranose-(1-4)-2-acetamido-2-deoxy-beta-D-glucopyranose
3 non-polymer 'COPPER (II) ION'
4 water water
#
_entity_poly.entity_id   1
_entity_poly.type   'polypeptide(L)'
_entity_poly.pdbx_seq_one_letter_code
;AIGPVADLTISNGAVSPDGFSRQAILVNDVFPSPLITGNKGDRFQLNVIDNMTNHTMLKSTSIHWHGFFQHGTNWADGPA
FVNQCPISTGHAFLYDFQVPDQAGTFWYHSHLSTQYCDGLRGPIVVYDPNDPHASLYDVDDDSTVITLADWYHLAAKVGA
PVPTADATLINGLGRSAATLAADLAVITVTKGKRYRFRLVSLSCDPNYTFSIDGHSLTVIEADSVNLKPHTVDSLQIFAA
QRYSFVLNADQDVDNYWIRALPNSGTQNFAGGTNSAILRYDGAAPVEPTTSQTPSTNPLVESALTTLKGTAAPGSPTPGG
VDLALNMAFGFAGGNFTINGASFTPPTVPVLLQILSGAQSAADLLPAGSVYSLPANADIEISLPATAAAPGFPHPFHLHG
HVFAVVRSAGSSTYNYANPVYRDVVSTGAPGDNVTIRFRTDNPGPWFLHCHIDFHLEAGFAVVMAEDIPDVAATNPVPQA
WSDLCPTYDALSPDDQ(UNK)
;
_entity_poly.pdbx_strand_id   A
#
loop_
_chem_comp.id
_chem_comp.type
_chem_comp.name
_chem_comp.formula
CU non-polymer 'COPPER (II) ION' 'Cu 2'
NAG D-saccharide, beta linking 2-acetamido-2-deoxy-beta-D-glucopyranose 'C8 H15 N O6'
#
# COMPACT_ATOMS: atom_id res chain seq x y z
N ALA A 1 3.55 14.63 10.15
CA ALA A 1 4.30 15.65 10.92
C ALA A 1 5.12 16.57 10.00
N ILE A 2 5.36 16.19 8.73
CA ILE A 2 5.78 17.16 7.68
C ILE A 2 4.69 17.10 6.59
N GLY A 3 4.54 18.14 5.77
CA GLY A 3 3.68 18.12 4.55
C GLY A 3 2.58 19.10 4.87
N PRO A 4 1.70 19.40 3.91
CA PRO A 4 1.64 18.84 2.60
C PRO A 4 2.72 19.41 1.67
N VAL A 5 3.51 20.41 2.09
CA VAL A 5 4.55 20.95 1.22
C VAL A 5 5.87 20.63 1.90
N ALA A 6 6.69 19.81 1.25
CA ALA A 6 7.90 19.33 1.94
C ALA A 6 8.94 18.80 0.96
N ASP A 7 10.20 18.89 1.35
CA ASP A 7 11.27 18.09 0.68
C ASP A 7 11.35 16.71 1.28
N LEU A 8 11.64 15.70 0.46
CA LEU A 8 11.91 14.33 0.91
C LEU A 8 13.27 13.99 0.27
N THR A 9 14.34 14.08 1.06
CA THR A 9 15.67 13.77 0.59
C THR A 9 15.97 12.31 0.77
N ILE A 10 16.34 11.63 -0.32
CA ILE A 10 16.42 10.22 -0.26
C ILE A 10 17.90 9.94 -0.36
N SER A 11 18.38 9.02 0.45
CA SER A 11 19.86 8.79 0.62
C SER A 11 20.04 7.39 1.08
N ASN A 12 21.28 6.97 1.12
CA ASN A 12 21.60 5.68 1.68
C ASN A 12 22.25 5.79 3.04
N GLY A 13 22.01 4.80 3.89
CA GLY A 13 22.79 4.72 5.16
C GLY A 13 22.46 3.49 5.96
N ALA A 14 23.16 3.30 7.10
CA ALA A 14 22.94 2.15 7.95
C ALA A 14 21.78 2.36 8.89
N VAL A 15 21.08 1.31 9.20
CA VAL A 15 19.92 1.39 10.07
C VAL A 15 19.96 0.05 10.81
N SER A 16 19.31 -0.02 11.97
CA SER A 16 19.21 -1.24 12.74
C SER A 16 17.90 -1.17 13.46
N PRO A 17 16.81 -1.47 12.72
CA PRO A 17 15.47 -1.40 13.35
C PRO A 17 15.17 -2.65 14.21
N ASP A 18 15.92 -3.73 13.99
CA ASP A 18 15.78 -4.94 14.80
C ASP A 18 17.08 -5.23 15.56
N GLY A 19 17.88 -4.17 15.78
CA GLY A 19 19.20 -4.28 16.37
C GLY A 19 20.33 -4.84 15.51
N PHE A 20 20.08 -5.13 14.23
CA PHE A 20 21.08 -5.68 13.30
C PHE A 20 21.38 -4.58 12.31
N SER A 21 22.64 -4.27 12.06
CA SER A 21 22.97 -3.12 11.20
C SER A 21 23.13 -3.56 9.75
N ARG A 22 22.49 -2.78 8.87
CA ARG A 22 22.58 -2.92 7.44
C ARG A 22 22.29 -1.60 6.77
N GLN A 23 22.93 -1.44 5.63
CA GLN A 23 22.62 -0.42 4.67
C GLN A 23 21.16 -0.43 4.17
N ALA A 24 20.65 0.76 3.94
CA ALA A 24 19.23 0.85 3.50
C ALA A 24 18.95 2.20 2.96
N ILE A 25 17.67 2.56 2.93
CA ILE A 25 17.31 3.84 2.37
C ILE A 25 16.68 4.75 3.41
N LEU A 26 17.29 5.91 3.53
CA LEU A 26 16.83 6.92 4.45
C LEU A 26 16.01 7.97 3.71
N VAL A 27 15.06 8.54 4.42
CA VAL A 27 14.29 9.68 3.89
C VAL A 27 14.34 10.81 4.87
N ASN A 28 14.72 11.99 4.40
CA ASN A 28 15.14 13.05 5.34
C ASN A 28 16.03 12.49 6.45
N ASP A 29 16.96 11.60 6.07
CA ASP A 29 18.00 11.13 6.96
C ASP A 29 17.53 10.25 8.12
N VAL A 30 16.28 9.78 8.08
CA VAL A 30 15.82 8.86 9.13
C VAL A 30 15.25 7.60 8.51
N PHE A 31 15.28 6.56 9.32
CA PHE A 31 14.58 5.33 9.02
C PHE A 31 13.82 5.03 10.34
N PRO A 32 12.54 4.55 10.26
CA PRO A 32 11.77 4.42 9.02
C PRO A 32 11.40 5.82 8.41
N SER A 33 10.83 5.81 7.19
CA SER A 33 10.51 7.02 6.50
C SER A 33 9.44 7.78 7.31
N PRO A 34 9.59 9.09 7.39
CA PRO A 34 8.72 9.91 8.20
C PRO A 34 7.28 10.01 7.65
N LEU A 35 6.35 10.08 8.56
CA LEU A 35 5.04 10.50 8.35
C LEU A 35 4.83 11.81 7.61
N ILE A 36 3.98 11.75 6.57
CA ILE A 36 3.53 12.97 5.84
C ILE A 36 2.03 13.18 6.19
N THR A 37 1.58 14.38 6.49
CA THR A 37 0.15 14.64 6.71
C THR A 37 -0.34 15.87 5.94
N GLY A 38 -1.66 15.98 5.81
CA GLY A 38 -2.31 17.01 5.01
C GLY A 38 -3.74 16.97 5.45
N ASN A 39 -4.56 17.85 4.89
CA ASN A 39 -5.97 17.79 5.14
C ASN A 39 -6.70 17.56 3.83
N LYS A 40 -7.91 17.06 3.97
CA LYS A 40 -8.81 16.78 2.81
C LYS A 40 -8.78 17.98 1.87
N GLY A 41 -8.59 17.70 0.59
CA GLY A 41 -8.57 18.77 -0.37
C GLY A 41 -7.27 19.51 -0.59
N ASP A 42 -6.25 19.27 0.25
CA ASP A 42 -4.95 19.97 0.07
C ASP A 42 -4.24 19.60 -1.28
N ARG A 43 -3.39 20.52 -1.71
CA ARG A 43 -2.39 20.31 -2.74
C ARG A 43 -1.14 19.86 -2.00
N PHE A 44 -0.63 18.69 -2.37
CA PHE A 44 0.66 18.20 -1.85
C PHE A 44 1.74 18.58 -2.84
N GLN A 45 2.85 19.17 -2.36
CA GLN A 45 3.98 19.42 -3.21
C GLN A 45 5.17 18.72 -2.55
N LEU A 46 5.48 17.55 -3.02
CA LEU A 46 6.56 16.80 -2.35
C LEU A 46 7.71 16.73 -3.31
N ASN A 47 8.79 17.43 -2.95
CA ASN A 47 9.98 17.53 -3.79
C ASN A 47 10.96 16.44 -3.37
N VAL A 48 11.05 15.42 -4.21
CA VAL A 48 11.81 14.23 -3.92
C VAL A 48 13.22 14.49 -4.53
N ILE A 49 14.20 14.58 -3.64
CA ILE A 49 15.58 14.97 -3.94
C ILE A 49 16.38 13.69 -3.81
N ASP A 50 16.84 13.17 -4.94
CA ASP A 50 17.40 11.84 -4.88
C ASP A 50 18.92 11.92 -4.73
N ASN A 51 19.46 11.50 -3.58
CA ASN A 51 20.92 11.53 -3.33
C ASN A 51 21.48 10.15 -3.13
N MET A 52 20.76 9.10 -3.58
CA MET A 52 21.26 7.76 -3.37
C MET A 52 22.48 7.40 -4.23
N THR A 53 23.36 6.62 -3.64
CA THR A 53 24.64 6.39 -4.28
C THR A 53 24.80 4.88 -4.39
N ASN A 54 23.90 4.10 -3.79
CA ASN A 54 24.08 2.67 -3.82
C ASN A 54 23.31 2.02 -5.01
N HIS A 55 24.02 1.44 -6.00
CA HIS A 55 23.40 0.82 -7.19
C HIS A 55 22.69 -0.55 -6.89
N THR A 56 23.22 -1.25 -5.88
CA THR A 56 22.61 -2.46 -5.44
C THR A 56 21.13 -2.25 -4.99
N MET A 57 20.86 -1.12 -4.37
CA MET A 57 19.47 -0.84 -3.91
C MET A 57 18.76 0.13 -4.88
N LEU A 58 19.43 0.33 -6.01
CA LEU A 58 19.11 1.30 -7.08
C LEU A 58 19.36 2.75 -6.76
N LYS A 59 20.13 3.42 -7.60
CA LYS A 59 20.40 4.87 -7.37
C LYS A 59 19.22 5.73 -7.75
N SER A 60 18.35 5.25 -8.66
CA SER A 60 17.23 6.03 -9.13
C SER A 60 16.06 5.78 -8.22
N THR A 61 14.93 6.46 -8.46
CA THR A 61 13.80 6.23 -7.62
C THR A 61 12.55 6.84 -8.21
N SER A 62 11.40 6.36 -7.75
CA SER A 62 10.12 6.88 -8.16
C SER A 62 9.21 6.62 -6.98
N ILE A 63 8.35 7.58 -6.62
N ILE A 63 8.35 7.56 -6.60
CA ILE A 63 7.50 7.44 -5.43
CA ILE A 63 7.53 7.38 -5.41
C ILE A 63 6.04 7.34 -5.86
C ILE A 63 6.04 7.38 -5.75
N HIS A 64 5.36 6.33 -5.31
CA HIS A 64 3.94 6.29 -5.38
C HIS A 64 3.28 6.72 -4.08
N TRP A 65 2.23 7.51 -4.21
CA TRP A 65 1.34 7.97 -3.14
C TRP A 65 0.08 7.10 -3.13
N HIS A 66 0.15 6.05 -2.33
CA HIS A 66 -0.76 4.98 -2.44
C HIS A 66 -2.15 5.40 -1.88
N GLY A 67 -3.13 5.40 -2.75
CA GLY A 67 -4.52 5.61 -2.36
C GLY A 67 -5.06 6.80 -3.02
N PHE A 68 -4.15 7.68 -3.48
CA PHE A 68 -4.60 8.98 -4.07
C PHE A 68 -5.00 8.75 -5.49
N PHE A 69 -6.13 9.33 -5.89
CA PHE A 69 -6.69 9.06 -7.22
C PHE A 69 -5.80 9.73 -8.29
N GLN A 70 -5.12 10.79 -7.93
CA GLN A 70 -4.28 11.54 -8.92
C GLN A 70 -5.03 12.00 -10.17
N HIS A 71 -6.25 12.48 -10.00
CA HIS A 71 -7.09 12.79 -11.17
C HIS A 71 -6.44 14.02 -11.79
N GLY A 72 -6.12 13.89 -13.08
CA GLY A 72 -5.45 14.94 -13.82
C GLY A 72 -3.95 15.08 -13.59
N THR A 73 -3.43 14.28 -12.63
CA THR A 73 -1.99 14.23 -12.34
C THR A 73 -1.51 12.82 -12.39
N ASN A 74 -1.83 12.11 -13.46
CA ASN A 74 -1.50 10.72 -13.50
C ASN A 74 0.00 10.60 -13.67
N TRP A 75 0.67 11.67 -14.16
CA TRP A 75 2.14 11.72 -14.24
C TRP A 75 2.82 11.67 -12.85
N ALA A 76 2.06 11.93 -11.79
CA ALA A 76 2.65 12.01 -10.41
C ALA A 76 2.45 10.69 -9.64
N ASP A 77 1.86 9.70 -10.26
CA ASP A 77 1.34 8.50 -9.54
C ASP A 77 2.43 7.60 -9.07
N GLY A 78 3.56 7.57 -9.80
CA GLY A 78 4.79 7.00 -9.23
C GLY A 78 5.34 5.79 -9.92
N PRO A 79 4.49 4.87 -10.43
CA PRO A 79 5.10 3.66 -10.88
C PRO A 79 6.13 3.84 -12.03
N ALA A 80 7.33 3.26 -11.85
CA ALA A 80 8.41 3.41 -12.79
C ALA A 80 7.99 2.78 -14.09
N PHE A 81 8.16 3.53 -15.21
CA PHE A 81 7.87 3.01 -16.60
C PHE A 81 6.42 2.78 -16.91
N VAL A 82 5.56 3.22 -16.00
CA VAL A 82 4.13 3.34 -16.31
C VAL A 82 3.71 4.79 -16.35
N ASN A 83 4.07 5.56 -15.31
CA ASN A 83 3.63 6.93 -15.08
C ASN A 83 4.78 7.93 -15.13
N GLN A 84 6.03 7.44 -15.17
CA GLN A 84 7.19 8.30 -15.33
C GLN A 84 8.42 7.43 -15.53
N CYS A 85 9.50 8.04 -16.00
CA CYS A 85 10.79 7.41 -15.86
C CYS A 85 11.24 7.80 -14.47
N PRO A 86 12.07 6.96 -13.85
CA PRO A 86 12.65 7.26 -12.53
C PRO A 86 13.44 8.55 -12.46
N ILE A 87 13.38 9.09 -11.27
CA ILE A 87 14.24 10.26 -10.91
C ILE A 87 15.67 9.68 -10.87
N SER A 88 16.64 10.46 -11.41
CA SER A 88 18.01 10.04 -11.47
C SER A 88 18.74 10.61 -10.25
N THR A 89 19.71 9.85 -9.75
CA THR A 89 20.50 10.35 -8.63
C THR A 89 21.15 11.70 -8.97
N GLY A 90 21.19 12.59 -8.00
CA GLY A 90 21.77 13.90 -8.21
C GLY A 90 20.72 14.84 -8.71
N HIS A 91 19.47 14.36 -8.89
CA HIS A 91 18.39 15.22 -9.43
C HIS A 91 17.25 15.19 -8.44
N ALA A 92 16.26 16.05 -8.63
CA ALA A 92 15.09 16.11 -7.77
C ALA A 92 13.90 16.23 -8.66
N PHE A 93 12.72 15.95 -8.14
CA PHE A 93 11.50 15.98 -8.99
C PHE A 93 10.32 16.28 -8.08
N LEU A 94 9.52 17.25 -8.46
CA LEU A 94 8.38 17.66 -7.65
C LEU A 94 7.08 16.90 -8.01
N TYR A 95 6.58 16.12 -7.07
CA TYR A 95 5.21 15.67 -7.19
C TYR A 95 4.26 16.72 -6.65
N ASP A 96 3.42 17.27 -7.50
CA ASP A 96 2.55 18.37 -7.13
C ASP A 96 1.14 17.88 -7.53
N PHE A 97 0.29 17.47 -6.54
CA PHE A 97 -1.03 17.04 -6.85
C PHE A 97 -2.01 17.45 -5.79
N GLN A 98 -3.28 17.17 -6.00
CA GLN A 98 -4.28 17.56 -5.05
C GLN A 98 -5.04 16.34 -4.65
N VAL A 99 -5.69 16.40 -3.49
CA VAL A 99 -6.48 15.31 -2.99
C VAL A 99 -7.97 15.72 -2.77
N PRO A 100 -8.63 16.25 -3.81
CA PRO A 100 -10.08 16.50 -3.61
C PRO A 100 -10.82 15.23 -3.17
N ASP A 101 -11.78 15.38 -2.27
CA ASP A 101 -12.68 14.29 -1.86
C ASP A 101 -12.08 13.03 -1.28
N GLN A 102 -10.90 13.07 -0.74
CA GLN A 102 -10.34 11.87 -0.15
C GLN A 102 -9.76 12.36 1.20
N ALA A 103 -9.92 11.53 2.23
CA ALA A 103 -9.30 11.75 3.52
C ALA A 103 -9.11 10.38 4.10
N GLY A 104 -8.18 10.21 5.01
CA GLY A 104 -8.02 8.81 5.56
C GLY A 104 -6.52 8.52 5.63
N THR A 105 -6.15 7.27 5.74
CA THR A 105 -4.75 6.89 5.91
C THR A 105 -4.22 6.29 4.58
N PHE A 106 -3.03 6.71 4.21
CA PHE A 106 -2.38 6.42 2.91
C PHE A 106 -0.97 6.05 3.23
N TRP A 107 -0.09 5.94 2.24
CA TRP A 107 1.31 5.78 2.52
C TRP A 107 2.06 6.03 1.25
N TYR A 108 3.38 6.18 1.33
CA TYR A 108 4.11 6.40 0.11
C TYR A 108 5.27 5.45 0.15
N HIS A 109 5.78 5.16 -1.02
CA HIS A 109 6.93 4.27 -1.13
C HIS A 109 7.51 4.28 -2.52
N SER A 110 8.72 3.71 -2.65
CA SER A 110 9.37 3.68 -3.94
C SER A 110 8.49 2.76 -4.77
N HIS A 111 8.35 3.12 -6.02
CA HIS A 111 7.61 2.23 -6.91
C HIS A 111 8.52 1.92 -8.11
N LEU A 112 9.79 1.72 -7.78
CA LEU A 112 10.79 1.22 -8.70
C LEU A 112 11.28 -0.11 -8.20
N SER A 113 11.00 -1.16 -8.96
CA SER A 113 11.50 -2.50 -8.71
C SER A 113 11.12 -2.86 -7.25
N THR A 114 12.02 -3.46 -6.47
CA THR A 114 11.69 -3.89 -5.10
C THR A 114 12.40 -2.95 -4.10
N GLN A 115 12.73 -1.73 -4.58
CA GLN A 115 13.39 -0.71 -3.72
C GLN A 115 12.68 -0.36 -2.41
N TYR A 116 11.35 -0.30 -2.43
CA TYR A 116 10.66 0.05 -1.19
C TYR A 116 10.97 -0.84 0.00
N CYS A 117 11.26 -2.11 -0.30
CA CYS A 117 11.63 -3.09 0.69
C CYS A 117 12.92 -2.68 1.42
N ASP A 118 13.79 -1.91 0.74
CA ASP A 118 15.06 -1.40 1.32
C ASP A 118 14.91 -0.18 2.22
N GLY A 119 13.67 0.30 2.40
CA GLY A 119 13.26 1.15 3.44
C GLY A 119 12.58 2.43 2.96
N LEU A 120 12.32 2.55 1.64
CA LEU A 120 11.68 3.80 1.17
C LEU A 120 10.19 3.63 1.28
N ARG A 121 9.61 3.93 2.47
CA ARG A 121 8.19 3.67 2.70
C ARG A 121 7.78 4.23 4.02
N GLY A 122 6.79 5.13 3.98
CA GLY A 122 6.27 5.79 5.18
C GLY A 122 4.77 6.03 5.07
N PRO A 123 4.13 6.39 6.21
CA PRO A 123 2.68 6.54 6.24
C PRO A 123 2.32 7.95 5.82
N ILE A 124 1.06 8.16 5.44
CA ILE A 124 0.53 9.44 5.15
C ILE A 124 -0.87 9.46 5.78
N VAL A 125 -1.16 10.54 6.47
CA VAL A 125 -2.55 10.76 6.90
C VAL A 125 -3.10 12.01 6.25
N VAL A 126 -4.30 11.93 5.69
CA VAL A 126 -4.98 13.10 5.21
C VAL A 126 -6.22 13.23 6.15
N TYR A 127 -6.18 14.20 7.09
CA TYR A 127 -7.26 14.40 8.08
C TYR A 127 -8.47 15.08 7.44
N ASP A 128 -9.63 14.80 7.99
CA ASP A 128 -10.82 15.36 7.50
C ASP A 128 -11.31 16.27 8.65
N PRO A 129 -11.41 17.59 8.42
CA PRO A 129 -11.85 18.43 9.53
C PRO A 129 -13.34 18.20 9.84
N ASN A 130 -14.09 17.52 8.95
CA ASN A 130 -15.46 17.13 9.27
C ASN A 130 -15.58 15.64 9.18
N ASP A 131 -14.54 14.93 9.64
CA ASP A 131 -14.58 13.49 9.63
C ASP A 131 -15.86 13.02 10.24
N PRO A 132 -16.60 12.13 9.52
CA PRO A 132 -17.85 11.75 10.06
C PRO A 132 -17.75 10.88 11.31
N HIS A 133 -16.53 10.36 11.63
CA HIS A 133 -16.28 9.58 12.80
C HIS A 133 -15.54 10.36 13.88
N ALA A 134 -15.30 11.64 13.71
CA ALA A 134 -14.55 12.41 14.74
C ALA A 134 -15.04 12.22 16.18
N SER A 135 -16.36 12.01 16.36
CA SER A 135 -16.99 11.90 17.69
C SER A 135 -16.75 10.57 18.33
N LEU A 136 -16.04 9.69 17.63
CA LEU A 136 -15.81 8.39 18.21
C LEU A 136 -14.50 8.36 18.94
N TYR A 137 -13.66 9.35 18.75
CA TYR A 137 -12.41 9.22 19.49
C TYR A 137 -11.97 10.59 20.01
N ASP A 138 -11.04 10.55 20.95
CA ASP A 138 -10.44 11.76 21.52
C ASP A 138 -9.07 12.11 20.90
N VAL A 139 -8.32 11.12 20.44
CA VAL A 139 -6.93 11.35 20.04
C VAL A 139 -6.71 10.71 18.68
N ASP A 140 -6.13 11.52 17.78
CA ASP A 140 -5.80 11.09 16.46
C ASP A 140 -4.64 11.98 16.05
N ASP A 141 -3.41 11.48 16.15
CA ASP A 141 -2.29 12.34 15.83
C ASP A 141 -1.08 11.50 15.36
N ASP A 142 0.10 12.08 15.32
CA ASP A 142 1.29 11.29 14.87
C ASP A 142 1.47 10.05 15.73
N SER A 143 1.08 10.11 17.00
N SER A 143 1.07 10.11 16.99
CA SER A 143 1.31 9.01 17.93
CA SER A 143 1.32 9.01 17.89
C SER A 143 0.22 7.91 17.87
C SER A 143 0.41 7.81 17.65
N THR A 144 -0.69 8.02 16.91
CA THR A 144 -1.69 6.95 16.70
C THR A 144 -1.56 6.31 15.31
N VAL A 145 -0.53 6.67 14.57
CA VAL A 145 -0.15 5.97 13.41
C VAL A 145 0.67 4.75 13.78
N ILE A 146 0.18 3.57 13.34
CA ILE A 146 0.90 2.33 13.56
C ILE A 146 1.25 1.71 12.19
N THR A 147 2.54 1.53 11.90
CA THR A 147 2.94 0.88 10.70
C THR A 147 3.45 -0.53 11.02
N LEU A 148 3.21 -1.46 10.09
CA LEU A 148 3.72 -2.80 10.11
C LEU A 148 4.62 -2.99 8.87
N ALA A 149 5.68 -3.76 8.98
CA ALA A 149 6.55 -3.87 7.85
C ALA A 149 7.40 -5.09 8.05
N ASP A 150 7.93 -5.60 6.97
CA ASP A 150 8.80 -6.75 7.01
C ASP A 150 10.19 -6.28 6.86
N TRP A 151 11.12 -7.01 7.46
CA TRP A 151 12.48 -6.52 7.44
C TRP A 151 13.41 -7.71 7.15
N TYR A 152 14.37 -7.48 6.24
CA TYR A 152 15.34 -8.50 5.80
C TYR A 152 16.75 -8.08 6.15
N HIS A 153 17.62 -9.02 6.54
CA HIS A 153 19.01 -8.61 6.83
C HIS A 153 19.80 -8.54 5.55
N LEU A 154 19.36 -9.23 4.49
CA LEU A 154 19.98 -9.06 3.14
C LEU A 154 19.08 -8.16 2.27
N ALA A 155 19.69 -7.23 1.53
CA ALA A 155 18.91 -6.35 0.63
C ALA A 155 18.08 -7.18 -0.31
N ALA A 156 16.98 -6.56 -0.78
CA ALA A 156 16.16 -7.01 -1.92
C ALA A 156 16.93 -7.70 -3.09
N LYS A 157 17.95 -7.04 -3.64
CA LYS A 157 18.72 -7.64 -4.74
C LYS A 157 19.88 -8.53 -4.28
N VAL A 158 19.93 -8.80 -2.98
CA VAL A 158 21.06 -9.57 -2.39
C VAL A 158 20.67 -10.96 -1.87
N GLY A 159 19.44 -11.08 -1.33
CA GLY A 159 18.93 -12.35 -0.78
C GLY A 159 18.18 -13.14 -1.83
N ALA A 160 17.46 -14.18 -1.39
CA ALA A 160 16.67 -15.03 -2.29
C ALA A 160 15.66 -14.16 -3.08
N PRO A 161 15.25 -14.58 -4.30
CA PRO A 161 14.31 -13.66 -4.98
C PRO A 161 12.87 -13.55 -4.37
N VAL A 162 12.48 -14.50 -3.52
CA VAL A 162 11.30 -14.32 -2.64
C VAL A 162 11.73 -14.67 -1.18
N PRO A 163 12.37 -13.70 -0.50
CA PRO A 163 13.03 -14.01 0.77
C PRO A 163 12.05 -14.16 1.93
N THR A 164 12.59 -14.64 3.05
CA THR A 164 11.86 -14.72 4.33
C THR A 164 12.32 -13.60 5.28
N ALA A 165 11.33 -12.87 5.84
CA ALA A 165 11.64 -11.79 6.76
C ALA A 165 12.33 -12.27 8.06
N ASP A 166 13.35 -11.51 8.41
CA ASP A 166 14.02 -11.65 9.70
C ASP A 166 13.27 -11.04 10.89
N ALA A 167 12.41 -10.05 10.61
CA ALA A 167 11.72 -9.39 11.68
C ALA A 167 10.50 -8.67 11.13
N THR A 168 9.45 -8.64 11.94
CA THR A 168 8.35 -7.70 11.74
C THR A 168 8.72 -6.43 12.50
N LEU A 169 8.68 -5.30 11.81
CA LEU A 169 8.82 -4.01 12.39
C LEU A 169 7.43 -3.41 12.69
N ILE A 170 7.25 -2.76 13.87
CA ILE A 170 6.00 -2.07 14.20
C ILE A 170 6.45 -0.72 14.54
N ASN A 171 5.98 0.29 13.81
CA ASN A 171 6.61 1.61 13.91
C ASN A 171 8.14 1.62 13.73
N GLY A 172 8.61 0.76 12.87
CA GLY A 172 10.03 0.81 12.53
C GLY A 172 10.91 0.00 13.50
N LEU A 173 10.30 -0.67 14.48
CA LEU A 173 11.06 -1.44 15.49
C LEU A 173 10.57 -2.85 15.66
N GLY A 174 11.49 -3.79 15.87
CA GLY A 174 11.09 -5.06 16.40
C GLY A 174 12.27 -6.00 16.57
N ARG A 175 12.00 -7.26 16.85
CA ARG A 175 13.04 -8.20 17.20
C ARG A 175 13.16 -9.26 16.17
N SER A 176 14.38 -9.76 16.00
CA SER A 176 14.59 -10.99 15.22
C SER A 176 15.03 -12.10 16.19
N ALA A 177 15.00 -13.37 15.73
CA ALA A 177 15.49 -14.57 16.51
C ALA A 177 16.80 -14.34 17.24
N ALA A 178 17.77 -13.63 16.62
CA ALA A 178 19.05 -13.35 17.27
C ALA A 178 19.24 -11.92 17.85
N THR A 179 18.15 -11.16 18.03
CA THR A 179 18.27 -9.86 18.66
C THR A 179 17.04 -9.71 19.53
N LEU A 180 16.88 -10.68 20.42
CA LEU A 180 15.73 -10.76 21.29
C LEU A 180 15.65 -9.68 22.34
N ALA A 181 16.75 -8.98 22.50
CA ALA A 181 16.83 -7.84 23.41
C ALA A 181 16.59 -6.52 22.66
N ALA A 182 16.32 -6.54 21.34
CA ALA A 182 16.16 -5.26 20.58
C ALA A 182 14.94 -4.54 21.11
N ASP A 183 15.01 -3.20 21.14
CA ASP A 183 13.94 -2.31 21.60
C ASP A 183 12.66 -2.55 20.83
N LEU A 184 11.53 -2.68 21.56
CA LEU A 184 10.14 -2.78 21.06
C LEU A 184 9.51 -1.43 20.88
N ALA A 185 8.56 -1.32 19.93
CA ALA A 185 7.85 -0.06 19.78
C ALA A 185 6.88 0.04 20.95
N VAL A 186 6.70 1.23 21.52
CA VAL A 186 5.69 1.50 22.59
C VAL A 186 4.68 2.49 22.03
N ILE A 187 3.41 2.18 22.21
CA ILE A 187 2.30 3.06 21.83
C ILE A 187 1.61 3.26 23.16
N THR A 188 1.52 4.52 23.54
CA THR A 188 1.04 4.95 24.84
CA THR A 188 1.01 4.93 24.83
C THR A 188 -0.44 5.41 24.74
N VAL A 189 -1.24 4.98 25.70
CA VAL A 189 -2.63 5.45 25.85
C VAL A 189 -2.86 5.85 27.33
N THR A 190 -3.79 6.80 27.56
CA THR A 190 -4.30 7.16 28.90
C THR A 190 -5.67 6.48 29.08
N LYS A 191 -5.81 5.74 30.18
CA LYS A 191 -7.07 5.15 30.57
C LYS A 191 -8.24 6.13 30.47
N GLY A 192 -9.34 5.67 29.84
CA GLY A 192 -10.50 6.53 29.64
C GLY A 192 -10.53 7.24 28.28
N LYS A 193 -9.42 7.27 27.57
CA LYS A 193 -9.40 7.95 26.30
C LYS A 193 -9.62 6.98 25.18
N ARG A 194 -10.07 7.55 24.09
CA ARG A 194 -10.42 6.77 22.92
C ARG A 194 -9.49 7.29 21.82
N TYR A 195 -8.98 6.35 21.02
CA TYR A 195 -7.90 6.55 20.07
C TYR A 195 -8.33 6.09 18.71
N ARG A 196 -8.08 6.96 17.74
CA ARG A 196 -8.08 6.54 16.38
C ARG A 196 -6.68 6.11 16.02
N PHE A 197 -6.42 4.83 16.11
CA PHE A 197 -5.18 4.31 15.54
C PHE A 197 -5.34 4.02 13.99
N ARG A 198 -4.33 4.40 13.22
CA ARG A 198 -4.32 4.32 11.78
C ARG A 198 -3.20 3.35 11.48
N LEU A 199 -3.63 2.13 11.17
CA LEU A 199 -2.75 0.99 10.95
C LEU A 199 -2.47 0.91 9.42
N VAL A 200 -1.22 0.79 9.03
CA VAL A 200 -0.89 0.78 7.62
C VAL A 200 0.19 -0.26 7.41
N SER A 201 -0.09 -1.18 6.48
CA SER A 201 0.90 -2.13 6.09
C SER A 201 1.76 -1.55 5.01
N LEU A 202 3.03 -1.30 5.39
CA LEU A 202 4.16 -1.07 4.46
C LEU A 202 4.85 -2.32 3.97
N SER A 203 4.24 -3.46 4.23
CA SER A 203 4.85 -4.74 3.91
C SER A 203 5.24 -4.88 2.44
N CYS A 204 6.34 -5.58 2.16
CA CYS A 204 6.67 -6.00 0.80
C CYS A 204 6.12 -7.37 0.45
N ASP A 205 5.56 -8.09 1.42
CA ASP A 205 5.15 -9.45 1.17
C ASP A 205 4.15 -9.97 2.25
N PRO A 206 4.59 -10.27 3.51
CA PRO A 206 3.61 -10.91 4.43
C PRO A 206 2.34 -10.09 4.72
N ASN A 207 1.26 -10.78 5.01
CA ASN A 207 0.11 -10.17 5.62
C ASN A 207 0.21 -10.50 7.11
N TYR A 208 -0.44 -9.69 7.91
CA TYR A 208 -0.29 -9.72 9.37
C TYR A 208 -1.64 -9.93 10.01
N THR A 209 -1.70 -10.88 10.93
CA THR A 209 -2.91 -11.04 11.66
C THR A 209 -2.68 -10.20 12.93
N PHE A 210 -3.42 -9.10 13.09
CA PHE A 210 -3.12 -8.02 14.06
C PHE A 210 -4.14 -8.13 15.19
N SER A 211 -3.65 -7.99 16.45
CA SER A 211 -4.58 -7.96 17.57
C SER A 211 -3.84 -7.27 18.71
N ILE A 212 -4.62 -6.90 19.68
CA ILE A 212 -4.04 -6.21 20.85
C ILE A 212 -4.68 -6.91 22.06
N ASP A 213 -3.80 -7.51 22.88
CA ASP A 213 -4.26 -8.27 24.06
C ASP A 213 -5.21 -7.43 24.90
N GLY A 214 -6.35 -8.03 25.21
CA GLY A 214 -7.38 -7.52 26.06
C GLY A 214 -8.18 -6.36 25.51
N HIS A 215 -7.87 -5.97 24.28
CA HIS A 215 -8.64 -4.89 23.65
C HIS A 215 -9.38 -5.29 22.37
N SER A 216 -10.58 -4.71 22.21
CA SER A 216 -11.29 -4.77 20.92
C SER A 216 -10.93 -3.57 20.04
N LEU A 217 -11.16 -3.76 18.75
CA LEU A 217 -10.79 -2.75 17.74
C LEU A 217 -12.06 -2.36 17.00
N THR A 218 -12.45 -1.08 17.00
CA THR A 218 -13.62 -0.74 16.22
C THR A 218 -13.19 -0.16 14.90
N VAL A 219 -13.39 -0.91 13.80
CA VAL A 219 -12.80 -0.51 12.53
C VAL A 219 -13.78 0.45 11.88
N ILE A 220 -13.27 1.61 11.40
CA ILE A 220 -14.09 2.70 10.94
C ILE A 220 -13.63 3.22 9.57
N GLU A 221 -12.50 2.69 9.09
CA GLU A 221 -11.95 3.06 7.79
C GLU A 221 -11.13 1.93 7.25
N ALA A 222 -11.26 1.67 5.95
CA ALA A 222 -10.42 0.71 5.22
C ALA A 222 -9.93 1.37 3.95
N ASP A 223 -8.64 1.20 3.70
CA ASP A 223 -7.93 1.88 2.54
C ASP A 223 -8.54 3.28 2.18
N SER A 224 -8.63 4.22 3.13
CA SER A 224 -9.13 5.57 2.92
C SER A 224 -10.64 5.69 2.56
N VAL A 225 -11.43 4.64 2.83
CA VAL A 225 -12.86 4.68 2.68
C VAL A 225 -13.55 4.55 4.04
N ASN A 226 -14.45 5.46 4.35
CA ASN A 226 -15.15 5.44 5.64
C ASN A 226 -16.06 4.25 5.68
N LEU A 227 -16.06 3.54 6.81
CA LEU A 227 -16.87 2.37 6.97
C LEU A 227 -17.99 2.63 7.97
N LYS A 228 -19.06 1.85 7.94
CA LYS A 228 -19.84 1.70 9.21
C LYS A 228 -18.95 1.08 10.33
N PRO A 229 -18.99 1.64 11.55
CA PRO A 229 -18.08 1.05 12.57
C PRO A 229 -18.29 -0.42 12.77
N HIS A 230 -17.21 -1.16 12.99
CA HIS A 230 -17.38 -2.58 13.09
C HIS A 230 -16.31 -3.16 13.98
N THR A 231 -16.73 -3.59 15.16
CA THR A 231 -15.87 -4.01 16.23
C THR A 231 -15.37 -5.40 16.00
N VAL A 232 -14.06 -5.60 16.17
CA VAL A 232 -13.52 -6.94 15.95
C VAL A 232 -12.54 -7.18 17.11
N ASP A 233 -12.17 -8.45 17.29
CA ASP A 233 -11.05 -8.77 18.23
C ASP A 233 -9.70 -9.09 17.56
N SER A 234 -9.70 -9.03 16.23
CA SER A 234 -8.49 -9.12 15.43
C SER A 234 -8.78 -8.80 13.96
N LEU A 235 -7.71 -8.53 13.19
CA LEU A 235 -7.87 -8.24 11.78
C LEU A 235 -6.63 -8.71 11.00
N GLN A 236 -6.85 -9.20 9.78
CA GLN A 236 -5.74 -9.58 8.92
C GLN A 236 -5.55 -8.44 7.93
N ILE A 237 -4.30 -7.93 7.84
CA ILE A 237 -4.07 -6.79 7.01
C ILE A 237 -3.04 -7.17 5.98
N PHE A 238 -3.39 -6.99 4.70
CA PHE A 238 -2.51 -7.39 3.59
C PHE A 238 -1.62 -6.26 3.22
N ALA A 239 -0.51 -6.58 2.57
CA ALA A 239 0.43 -5.56 2.11
C ALA A 239 -0.30 -4.39 1.45
N ALA A 240 -0.02 -3.14 1.90
CA ALA A 240 -0.56 -1.86 1.33
C ALA A 240 -1.94 -1.42 1.80
N GLN A 241 -2.56 -2.25 2.62
CA GLN A 241 -3.88 -1.93 3.24
C GLN A 241 -3.72 -1.03 4.38
N ARG A 242 -4.81 -0.31 4.74
CA ARG A 242 -4.78 0.55 5.93
C ARG A 242 -6.13 0.28 6.57
N TYR A 243 -6.21 0.31 7.89
CA TYR A 243 -7.49 0.33 8.60
C TYR A 243 -7.30 1.42 9.64
N SER A 244 -8.35 2.20 9.91
CA SER A 244 -8.36 3.00 11.10
C SER A 244 -9.29 2.18 12.04
N PHE A 245 -8.95 2.18 13.31
CA PHE A 245 -9.79 1.47 14.35
C PHE A 245 -9.80 2.30 15.58
N VAL A 246 -10.94 2.33 16.30
CA VAL A 246 -10.97 3.10 17.55
C VAL A 246 -10.64 2.10 18.65
N LEU A 247 -9.69 2.44 19.50
CA LEU A 247 -9.37 1.63 20.64
C LEU A 247 -9.87 2.46 21.81
N ASN A 248 -10.73 1.86 22.64
CA ASN A 248 -11.10 2.52 23.88
C ASN A 248 -10.15 2.03 24.98
N ALA A 249 -9.38 2.95 25.55
CA ALA A 249 -8.39 2.49 26.51
C ALA A 249 -9.10 2.36 27.84
N ASP A 250 -9.90 1.29 27.97
CA ASP A 250 -10.79 1.18 29.15
C ASP A 250 -10.37 0.02 30.03
N GLN A 251 -9.26 -0.61 29.68
CA GLN A 251 -8.80 -1.83 30.40
C GLN A 251 -8.01 -1.36 31.65
N ASP A 252 -7.63 -2.23 32.58
CA ASP A 252 -6.71 -1.76 33.69
C ASP A 252 -5.38 -1.19 33.20
N VAL A 253 -4.85 -0.18 33.93
CA VAL A 253 -3.54 0.29 33.66
C VAL A 253 -2.57 -0.88 33.66
N ASP A 254 -1.88 -1.06 32.54
CA ASP A 254 -0.95 -2.19 32.37
C ASP A 254 -0.25 -2.01 31.01
N ASN A 255 0.68 -2.93 30.73
CA ASN A 255 1.23 -3.19 29.39
C ASN A 255 0.50 -4.34 28.79
N TYR A 256 0.10 -4.18 27.53
CA TYR A 256 -0.57 -5.25 26.77
C TYR A 256 0.25 -5.50 25.49
N TRP A 257 0.31 -6.73 25.03
CA TRP A 257 1.05 -7.00 23.81
C TRP A 257 0.19 -6.53 22.63
N ILE A 258 0.84 -5.81 21.72
CA ILE A 258 0.35 -5.63 20.34
C ILE A 258 0.95 -6.76 19.45
N ARG A 259 0.12 -7.50 18.72
CA ARG A 259 0.61 -8.66 18.02
C ARG A 259 0.37 -8.53 16.53
N ALA A 260 1.36 -8.89 15.74
CA ALA A 260 1.30 -8.78 14.28
C ALA A 260 1.97 -10.03 13.78
N LEU A 261 1.18 -11.07 13.59
CA LEU A 261 1.69 -12.35 13.14
C LEU A 261 1.66 -12.44 11.62
N PRO A 262 2.85 -12.60 11.00
CA PRO A 262 3.01 -12.73 9.56
C PRO A 262 2.51 -14.10 9.13
N ASN A 263 2.09 -14.20 7.89
CA ASN A 263 1.67 -15.47 7.35
C ASN A 263 2.90 -16.27 6.90
N SER A 264 4.11 -15.71 6.97
CA SER A 264 5.32 -16.49 6.64
C SER A 264 6.43 -16.04 7.53
N GLY A 265 7.56 -16.77 7.49
CA GLY A 265 8.70 -16.58 8.37
C GLY A 265 8.40 -17.01 9.80
N THR A 266 8.83 -16.17 10.75
CA THR A 266 8.62 -16.57 12.14
C THR A 266 7.17 -16.40 12.57
N GLN A 267 6.49 -17.52 12.81
CA GLN A 267 5.07 -17.47 13.13
C GLN A 267 4.70 -17.80 14.60
N ASN A 268 5.30 -17.07 15.53
CA ASN A 268 4.99 -17.16 16.95
C ASN A 268 5.49 -15.81 17.49
N PHE A 269 5.40 -15.62 18.81
CA PHE A 269 5.85 -14.39 19.48
C PHE A 269 6.94 -14.64 20.52
N ALA A 270 7.68 -15.76 20.38
CA ALA A 270 8.69 -16.16 21.35
C ALA A 270 9.63 -15.02 21.53
N GLY A 271 9.84 -14.63 22.77
CA GLY A 271 10.77 -13.56 23.02
C GLY A 271 10.37 -12.17 22.51
N GLY A 272 9.08 -11.92 22.24
CA GLY A 272 8.60 -10.58 21.89
C GLY A 272 8.79 -10.23 20.39
N THR A 273 9.23 -11.19 19.59
CA THR A 273 9.20 -11.10 18.10
C THR A 273 7.72 -10.84 17.67
N ASN A 274 7.52 -10.16 16.54
CA ASN A 274 6.20 -9.90 16.01
C ASN A 274 5.32 -9.09 16.94
N SER A 275 5.89 -8.17 17.69
CA SER A 275 5.20 -7.53 18.76
C SER A 275 5.70 -6.09 18.99
N ALA A 276 4.79 -5.31 19.57
CA ALA A 276 5.06 -4.02 20.16
C ALA A 276 4.25 -3.92 21.46
N ILE A 277 4.39 -2.79 22.16
CA ILE A 277 3.84 -2.68 23.51
C ILE A 277 2.72 -1.61 23.48
N LEU A 278 1.55 -1.93 24.00
CA LEU A 278 0.54 -0.89 24.29
C LEU A 278 0.66 -0.62 25.78
N ARG A 279 1.20 0.53 26.09
CA ARG A 279 1.47 0.88 27.48
C ARG A 279 0.45 1.91 27.97
N TYR A 280 -0.27 1.65 29.08
CA TYR A 280 -1.17 2.70 29.68
C TYR A 280 -0.28 3.63 30.49
N ASP A 281 -0.56 4.94 30.51
CA ASP A 281 0.18 5.92 31.30
CA ASP A 281 0.26 5.86 31.28
C ASP A 281 0.08 5.39 32.71
N GLY A 282 1.20 5.32 33.42
CA GLY A 282 1.19 4.84 34.80
C GLY A 282 1.76 3.43 34.95
N ALA A 283 1.69 2.62 33.89
CA ALA A 283 2.22 1.24 33.90
C ALA A 283 3.74 1.27 33.89
N ALA A 284 4.33 0.19 34.41
CA ALA A 284 5.77 -0.04 34.50
C ALA A 284 6.36 -0.02 33.11
N PRO A 285 7.56 0.56 32.95
CA PRO A 285 8.24 0.43 31.65
C PRO A 285 8.87 -0.94 31.37
N VAL A 286 8.01 -1.96 31.26
CA VAL A 286 8.46 -3.31 31.04
C VAL A 286 7.58 -3.95 30.01
N GLU A 287 7.95 -5.15 29.63
CA GLU A 287 7.25 -5.92 28.56
C GLU A 287 5.96 -6.32 29.12
N PRO A 288 4.96 -6.56 28.24
CA PRO A 288 3.70 -7.14 28.73
C PRO A 288 3.98 -8.57 29.07
N THR A 289 3.18 -9.10 29.95
CA THR A 289 3.15 -10.52 30.17
C THR A 289 1.74 -11.03 29.85
N THR A 290 0.96 -10.22 29.12
CA THR A 290 -0.43 -10.60 28.77
C THR A 290 -0.47 -11.77 27.81
N SER A 291 -1.60 -12.45 27.71
CA SER A 291 -1.73 -13.69 26.93
C SER A 291 -2.72 -13.53 25.81
N GLN A 292 -2.43 -14.13 24.67
CA GLN A 292 -3.40 -14.03 23.59
C GLN A 292 -4.61 -14.91 23.95
N THR A 293 -5.80 -14.34 23.84
CA THR A 293 -7.02 -15.15 23.84
C THR A 293 -7.47 -15.42 22.39
N PRO A 294 -8.09 -16.60 22.14
CA PRO A 294 -8.39 -16.85 20.72
C PRO A 294 -9.30 -15.76 20.18
N SER A 295 -9.00 -15.29 18.98
CA SER A 295 -9.91 -14.40 18.28
C SER A 295 -11.25 -15.14 18.03
N THR A 296 -12.35 -14.61 18.55
CA THR A 296 -13.64 -15.21 18.22
C THR A 296 -14.49 -14.23 17.44
N ASN A 297 -13.93 -13.05 17.15
CA ASN A 297 -14.64 -12.04 16.37
C ASN A 297 -13.65 -11.34 15.39
N PRO A 298 -13.01 -12.14 14.47
CA PRO A 298 -12.01 -11.64 13.52
C PRO A 298 -12.73 -10.74 12.48
N LEU A 299 -12.04 -9.70 11.96
CA LEU A 299 -12.60 -8.94 10.83
C LEU A 299 -12.91 -9.98 9.71
N VAL A 300 -14.06 -9.82 9.07
CA VAL A 300 -14.41 -10.63 7.85
C VAL A 300 -14.70 -9.55 6.83
N GLU A 301 -13.96 -9.52 5.73
CA GLU A 301 -14.12 -8.36 4.81
C GLU A 301 -15.53 -8.24 4.19
N SER A 302 -16.16 -9.36 3.85
CA SER A 302 -17.56 -9.37 3.38
C SER A 302 -18.52 -8.79 4.43
N ALA A 303 -18.10 -8.66 5.71
CA ALA A 303 -19.04 -8.02 6.68
C ALA A 303 -18.86 -6.50 6.85
N LEU A 304 -17.84 -5.97 6.19
CA LEU A 304 -17.52 -4.59 6.21
C LEU A 304 -18.40 -3.94 5.17
N THR A 305 -18.81 -2.74 5.48
CA THR A 305 -19.57 -1.94 4.54
C THR A 305 -19.23 -0.49 4.59
N THR A 306 -19.49 0.25 3.53
CA THR A 306 -19.15 1.71 3.60
C THR A 306 -20.07 2.48 4.48
N LEU A 307 -19.57 3.59 5.05
CA LEU A 307 -20.42 4.41 5.87
C LEU A 307 -21.80 4.74 5.23
N LYS A 308 -21.79 5.00 3.93
CA LYS A 308 -22.97 5.49 3.16
C LYS A 308 -23.77 4.29 2.62
N GLY A 309 -23.21 3.11 2.75
CA GLY A 309 -23.89 1.96 2.21
C GLY A 309 -23.93 1.99 0.69
N THR A 310 -22.95 2.66 0.10
CA THR A 310 -22.86 2.80 -1.36
C THR A 310 -22.98 1.47 -2.11
N ALA A 311 -23.86 1.40 -3.09
CA ALA A 311 -23.91 0.22 -3.89
C ALA A 311 -22.65 0.07 -4.80
N ALA A 312 -22.40 -1.14 -5.28
CA ALA A 312 -21.36 -1.38 -6.29
C ALA A 312 -21.81 -0.67 -7.58
N PRO A 313 -20.86 -0.20 -8.40
CA PRO A 313 -21.29 0.41 -9.64
C PRO A 313 -21.94 -0.70 -10.53
N GLY A 314 -22.71 -0.34 -11.52
CA GLY A 314 -23.30 -1.33 -12.38
C GLY A 314 -24.59 -1.85 -11.78
N SER A 315 -25.09 -2.89 -12.43
CA SER A 315 -26.26 -3.55 -11.98
C SER A 315 -25.94 -4.84 -11.26
N PRO A 316 -26.77 -5.17 -10.26
CA PRO A 316 -26.53 -6.26 -9.31
C PRO A 316 -26.61 -7.67 -9.85
N THR A 317 -25.83 -8.00 -10.86
CA THR A 317 -25.79 -9.34 -11.47
C THR A 317 -24.42 -9.55 -12.13
N PRO A 318 -23.90 -10.80 -12.19
CA PRO A 318 -22.54 -10.92 -12.75
C PRO A 318 -22.47 -10.36 -14.16
N GLY A 319 -21.41 -9.62 -14.49
CA GLY A 319 -21.22 -9.12 -15.87
C GLY A 319 -22.11 -7.93 -16.18
N GLY A 320 -22.76 -7.39 -15.12
CA GLY A 320 -23.69 -6.27 -15.20
C GLY A 320 -22.99 -4.93 -15.20
N VAL A 321 -22.10 -4.74 -16.18
CA VAL A 321 -21.23 -3.59 -16.29
C VAL A 321 -20.96 -3.41 -17.78
N ASP A 322 -20.32 -2.28 -18.15
CA ASP A 322 -19.94 -1.97 -19.50
CA ASP A 322 -19.98 -2.01 -19.55
C ASP A 322 -18.83 -2.88 -20.00
N LEU A 323 -17.86 -3.12 -19.12
CA LEU A 323 -16.77 -4.08 -19.46
C LEU A 323 -16.40 -4.97 -18.28
N ALA A 324 -16.40 -6.28 -18.52
CA ALA A 324 -16.05 -7.29 -17.50
C ALA A 324 -14.76 -7.97 -17.96
N LEU A 325 -13.72 -8.00 -17.11
CA LEU A 325 -12.43 -8.64 -17.46
C LEU A 325 -12.11 -9.72 -16.42
N ASN A 326 -11.42 -10.75 -16.86
CA ASN A 326 -10.99 -11.87 -16.01
C ASN A 326 -9.51 -12.00 -16.13
N MET A 327 -8.83 -11.93 -14.97
CA MET A 327 -7.39 -11.98 -14.89
C MET A 327 -6.94 -13.38 -14.44
N ALA A 328 -6.56 -14.20 -15.43
CA ALA A 328 -6.08 -15.60 -15.16
C ALA A 328 -4.62 -15.64 -14.83
N PHE A 329 -4.31 -16.02 -13.59
CA PHE A 329 -2.95 -15.93 -13.11
C PHE A 329 -2.23 -17.19 -13.52
N GLY A 330 -0.94 -17.08 -13.82
CA GLY A 330 -0.07 -18.26 -13.93
C GLY A 330 1.35 -17.91 -13.59
N PHE A 331 2.29 -18.78 -13.95
CA PHE A 331 3.68 -18.62 -13.55
C PHE A 331 4.48 -19.62 -14.34
N ALA A 332 5.54 -19.14 -14.99
CA ALA A 332 6.40 -19.98 -15.82
C ALA A 332 7.61 -19.14 -16.15
N GLY A 333 8.75 -19.81 -16.37
CA GLY A 333 9.99 -19.11 -16.69
C GLY A 333 10.49 -18.35 -15.47
N GLY A 334 9.95 -18.69 -14.29
CA GLY A 334 10.19 -17.92 -13.09
C GLY A 334 9.59 -16.51 -13.16
N ASN A 335 8.58 -16.36 -14.02
CA ASN A 335 7.77 -15.13 -14.13
C ASN A 335 6.30 -15.38 -13.92
N PHE A 336 5.70 -14.49 -13.17
CA PHE A 336 4.26 -14.49 -13.00
C PHE A 336 3.62 -14.03 -14.29
N THR A 337 2.46 -14.61 -14.61
CA THR A 337 1.68 -14.12 -15.75
C THR A 337 0.22 -13.82 -15.42
N ILE A 338 -0.36 -12.90 -16.19
CA ILE A 338 -1.78 -12.61 -16.16
C ILE A 338 -2.26 -12.73 -17.58
N ASN A 339 -3.22 -13.64 -17.80
CA ASN A 339 -3.76 -13.89 -19.14
C ASN A 339 -2.59 -14.16 -20.07
N GLY A 340 -1.57 -14.89 -19.58
CA GLY A 340 -0.48 -15.34 -20.45
C GLY A 340 0.73 -14.41 -20.57
N ALA A 341 0.62 -13.20 -20.02
CA ALA A 341 1.60 -12.15 -20.29
C ALA A 341 2.25 -11.74 -18.97
N SER A 342 3.56 -11.57 -18.97
CA SER A 342 4.32 -11.21 -17.79
C SER A 342 4.66 -9.76 -17.98
N PHE A 343 4.50 -8.92 -16.96
CA PHE A 343 4.82 -7.51 -17.18
C PHE A 343 6.33 -7.32 -17.16
N THR A 344 6.91 -6.75 -18.20
N THR A 344 6.87 -6.77 -18.24
CA THR A 344 8.31 -6.36 -18.09
CA THR A 344 8.26 -6.29 -18.25
C THR A 344 8.40 -4.87 -18.45
C THR A 344 8.17 -4.76 -18.35
N PRO A 345 8.96 -4.04 -17.56
CA PRO A 345 8.73 -2.59 -17.75
C PRO A 345 9.15 -2.16 -19.16
N PRO A 346 8.34 -1.33 -19.84
CA PRO A 346 8.80 -0.80 -21.15
C PRO A 346 9.88 0.26 -20.97
N THR A 347 10.71 0.46 -21.98
CA THR A 347 11.68 1.53 -21.89
C THR A 347 11.03 2.93 -21.98
N VAL A 348 9.98 3.05 -22.77
CA VAL A 348 9.19 4.31 -22.80
C VAL A 348 8.00 4.21 -21.83
N PRO A 349 7.91 5.09 -20.85
CA PRO A 349 6.80 4.80 -19.91
C PRO A 349 5.43 4.84 -20.60
N VAL A 350 4.45 4.15 -20.00
CA VAL A 350 3.17 3.91 -20.70
C VAL A 350 2.49 5.26 -20.88
N LEU A 351 2.60 6.13 -19.88
CA LEU A 351 2.00 7.48 -20.01
C LEU A 351 2.62 8.20 -21.22
N LEU A 352 3.95 8.07 -21.39
CA LEU A 352 4.61 8.83 -22.45
C LEU A 352 4.22 8.29 -23.83
N GLN A 353 4.11 6.98 -23.88
CA GLN A 353 3.59 6.27 -25.03
C GLN A 353 2.22 6.86 -25.50
N ILE A 354 1.27 6.96 -24.60
CA ILE A 354 -0.02 7.59 -25.01
C ILE A 354 0.19 9.03 -25.37
N LEU A 355 1.00 9.80 -24.62
CA LEU A 355 1.14 11.15 -24.99
C LEU A 355 1.82 11.33 -26.37
N SER A 356 2.58 10.30 -26.78
CA SER A 356 3.35 10.35 -28.02
C SER A 356 2.51 9.80 -29.19
N GLY A 357 1.26 9.39 -28.92
CA GLY A 357 0.41 8.91 -30.00
C GLY A 357 -0.06 7.45 -30.04
N ALA A 358 0.26 6.64 -29.02
CA ALA A 358 -0.39 5.31 -28.91
C ALA A 358 -1.91 5.46 -28.86
N GLN A 359 -2.64 4.65 -29.63
CA GLN A 359 -4.11 4.80 -29.68
C GLN A 359 -4.87 3.64 -29.01
N SER A 360 -4.18 2.53 -28.80
CA SER A 360 -4.86 1.30 -28.42
C SER A 360 -3.98 0.46 -27.53
N ALA A 361 -4.60 -0.50 -26.87
CA ALA A 361 -3.88 -1.41 -26.01
C ALA A 361 -2.81 -2.13 -26.85
N ALA A 362 -3.18 -2.49 -28.07
CA ALA A 362 -2.33 -3.19 -29.03
C ALA A 362 -1.05 -2.42 -29.42
N ASP A 363 -1.16 -1.11 -29.48
CA ASP A 363 -0.01 -0.21 -29.66
C ASP A 363 0.86 -0.20 -28.42
N LEU A 364 0.27 -0.42 -27.27
CA LEU A 364 0.97 -0.04 -26.04
C LEU A 364 1.94 -1.15 -25.61
N LEU A 365 3.12 -0.77 -25.15
CA LEU A 365 4.13 -1.75 -24.64
C LEU A 365 4.06 -1.71 -23.09
N PRO A 366 4.28 -2.87 -22.40
CA PRO A 366 4.59 -4.17 -23.07
C PRO A 366 3.33 -4.85 -23.63
N ALA A 367 3.50 -5.54 -24.77
CA ALA A 367 2.40 -6.25 -25.49
C ALA A 367 1.77 -7.30 -24.62
N GLY A 368 0.44 -7.31 -24.62
CA GLY A 368 -0.38 -8.31 -23.88
C GLY A 368 -0.64 -7.97 -22.39
N SER A 369 0.07 -6.97 -21.89
CA SER A 369 -0.06 -6.51 -20.50
C SER A 369 -0.95 -5.24 -20.31
N VAL A 370 -1.41 -4.60 -21.39
CA VAL A 370 -2.16 -3.33 -21.25
C VAL A 370 -3.61 -3.51 -21.71
N TYR A 371 -4.58 -3.12 -20.87
CA TYR A 371 -5.99 -3.19 -21.19
C TYR A 371 -6.57 -1.79 -21.40
N SER A 372 -7.22 -1.60 -22.55
CA SER A 372 -7.92 -0.34 -22.81
C SER A 372 -9.24 -0.31 -22.07
N LEU A 373 -9.53 0.75 -21.32
CA LEU A 373 -10.86 0.81 -20.71
C LEU A 373 -11.64 1.97 -21.28
N PRO A 374 -12.94 1.76 -21.53
CA PRO A 374 -13.80 2.86 -22.01
C PRO A 374 -13.96 3.93 -20.93
N ALA A 375 -14.19 5.15 -21.37
CA ALA A 375 -14.39 6.29 -20.56
C ALA A 375 -15.75 6.22 -19.82
N ASN A 376 -15.77 6.78 -18.62
CA ASN A 376 -17.05 7.03 -17.95
C ASN A 376 -17.98 5.82 -17.83
N ALA A 377 -17.43 4.67 -17.47
CA ALA A 377 -18.13 3.44 -17.52
C ALA A 377 -17.99 2.63 -16.18
N ASP A 378 -18.63 1.49 -16.15
N ASP A 378 -18.66 1.49 -16.15
CA ASP A 378 -18.51 0.58 -15.04
CA ASP A 378 -18.60 0.55 -15.02
C ASP A 378 -17.71 -0.56 -15.57
C ASP A 378 -17.89 -0.74 -15.44
N ILE A 379 -16.81 -1.03 -14.73
CA ILE A 379 -16.01 -2.16 -15.01
C ILE A 379 -16.15 -3.18 -13.90
N GLU A 380 -16.10 -4.47 -14.28
CA GLU A 380 -15.91 -5.57 -13.34
C GLU A 380 -14.64 -6.39 -13.69
N ILE A 381 -13.89 -6.79 -12.69
CA ILE A 381 -12.63 -7.53 -12.92
C ILE A 381 -12.64 -8.66 -11.93
N SER A 382 -12.57 -9.88 -12.45
CA SER A 382 -12.45 -11.04 -11.58
C SER A 382 -10.95 -11.47 -11.49
N LEU A 383 -10.49 -11.74 -10.29
CA LEU A 383 -9.09 -12.16 -10.00
C LEU A 383 -9.02 -13.58 -9.33
N PRO A 384 -9.47 -14.64 -10.04
CA PRO A 384 -9.60 -15.94 -9.36
C PRO A 384 -8.23 -16.53 -8.95
N ALA A 385 -8.13 -16.93 -7.69
CA ALA A 385 -6.89 -17.47 -7.15
C ALA A 385 -6.59 -18.82 -7.80
N THR A 386 -5.34 -19.14 -7.98
CA THR A 386 -5.00 -20.46 -8.41
C THR A 386 -3.67 -20.84 -7.80
N ALA A 387 -3.47 -22.14 -7.58
CA ALA A 387 -2.16 -22.69 -7.16
C ALA A 387 -1.01 -22.44 -8.19
N ALA A 388 -1.37 -22.21 -9.44
CA ALA A 388 -0.39 -21.88 -10.52
C ALA A 388 0.36 -20.53 -10.27
N ALA A 389 -0.21 -19.65 -9.44
CA ALA A 389 0.49 -18.46 -9.00
C ALA A 389 0.87 -18.62 -7.53
N PRO A 390 2.03 -19.25 -7.27
CA PRO A 390 2.44 -19.63 -5.91
C PRO A 390 2.73 -18.38 -5.06
N GLY A 391 2.68 -18.57 -3.74
CA GLY A 391 2.72 -17.50 -2.78
C GLY A 391 1.37 -16.79 -2.61
N PHE A 392 0.25 -17.43 -2.94
CA PHE A 392 -1.09 -16.89 -2.61
C PHE A 392 -1.20 -16.86 -1.09
N PRO A 393 -2.06 -16.01 -0.51
CA PRO A 393 -3.00 -15.02 -1.02
C PRO A 393 -2.26 -13.84 -1.61
N HIS A 394 -2.49 -13.56 -2.88
CA HIS A 394 -1.90 -12.33 -3.46
C HIS A 394 -2.84 -11.13 -3.37
N PRO A 395 -2.43 -10.01 -2.65
CA PRO A 395 -3.08 -8.68 -2.55
C PRO A 395 -2.87 -7.81 -3.85
N PHE A 396 -3.98 -7.39 -4.52
CA PHE A 396 -3.89 -6.71 -5.82
C PHE A 396 -4.36 -5.34 -5.49
N HIS A 397 -3.68 -4.36 -6.09
CA HIS A 397 -3.94 -2.96 -5.88
CA HIS A 397 -4.07 -3.00 -5.89
C HIS A 397 -4.24 -2.30 -7.20
N LEU A 398 -5.23 -1.46 -7.19
CA LEU A 398 -5.58 -0.66 -8.37
C LEU A 398 -5.20 0.78 -8.09
N HIS A 399 -4.39 1.30 -8.97
CA HIS A 399 -3.98 2.65 -8.86
C HIS A 399 -5.10 3.57 -9.38
N GLY A 400 -5.11 4.80 -8.96
CA GLY A 400 -6.08 5.78 -9.52
C GLY A 400 -7.55 5.62 -9.13
N HIS A 401 -7.87 4.58 -8.32
CA HIS A 401 -9.29 4.27 -7.99
C HIS A 401 -9.51 3.58 -6.64
N VAL A 402 -10.75 3.69 -6.14
CA VAL A 402 -11.28 2.87 -5.11
C VAL A 402 -12.20 1.81 -5.89
N PHE A 403 -12.42 0.64 -5.34
CA PHE A 403 -13.28 -0.31 -6.03
C PHE A 403 -14.14 -0.94 -5.00
N ALA A 404 -15.29 -1.46 -5.48
CA ALA A 404 -16.23 -2.20 -4.64
C ALA A 404 -15.73 -3.60 -4.66
N VAL A 405 -15.65 -4.24 -3.49
CA VAL A 405 -15.27 -5.64 -3.48
C VAL A 405 -16.59 -6.46 -3.55
N VAL A 406 -17.10 -6.79 -4.74
CA VAL A 406 -18.39 -7.49 -4.75
C VAL A 406 -18.26 -8.92 -4.16
N ARG A 407 -17.09 -9.51 -4.32
CA ARG A 407 -16.82 -10.80 -3.73
C ARG A 407 -15.44 -10.84 -3.15
N SER A 408 -15.37 -11.19 -1.85
CA SER A 408 -14.16 -11.23 -1.06
C SER A 408 -13.58 -12.66 -0.96
N ALA A 409 -12.31 -12.77 -0.59
CA ALA A 409 -11.64 -14.05 -0.33
C ALA A 409 -12.39 -14.77 0.85
N GLY A 410 -12.58 -16.06 0.70
CA GLY A 410 -13.13 -16.85 1.80
C GLY A 410 -14.63 -16.69 1.85
N SER A 411 -15.22 -15.91 0.94
CA SER A 411 -16.66 -15.89 0.81
C SER A 411 -17.15 -16.48 -0.49
N SER A 412 -18.36 -17.05 -0.46
CA SER A 412 -18.95 -17.59 -1.71
C SER A 412 -19.91 -16.59 -2.32
N THR A 413 -20.19 -15.52 -1.58
CA THR A 413 -21.27 -14.61 -1.99
C THR A 413 -20.77 -13.34 -2.72
N TYR A 414 -21.68 -12.76 -3.50
CA TYR A 414 -21.50 -11.51 -4.33
C TYR A 414 -22.39 -10.47 -3.66
N ASN A 415 -21.85 -9.31 -3.21
CA ASN A 415 -22.70 -8.28 -2.63
C ASN A 415 -22.62 -6.99 -3.54
N TYR A 416 -23.73 -6.64 -4.20
CA TYR A 416 -23.74 -5.49 -5.11
C TYR A 416 -24.39 -4.34 -4.40
N ALA A 417 -25.07 -4.59 -3.28
CA ALA A 417 -25.95 -3.59 -2.63
C ALA A 417 -25.13 -2.62 -1.69
N ASN A 418 -24.18 -3.18 -0.96
CA ASN A 418 -23.42 -2.36 0.01
C ASN A 418 -22.08 -2.98 0.36
N PRO A 419 -21.28 -3.38 -0.68
CA PRO A 419 -20.00 -4.06 -0.45
C PRO A 419 -19.01 -3.02 0.08
N VAL A 420 -18.01 -3.46 0.84
CA VAL A 420 -16.89 -2.57 1.20
C VAL A 420 -16.27 -2.12 -0.15
N TYR A 421 -15.74 -0.93 -0.16
CA TYR A 421 -14.86 -0.41 -1.22
C TYR A 421 -13.50 -0.19 -0.58
N ARG A 422 -12.41 -0.37 -1.35
CA ARG A 422 -11.08 -0.19 -0.81
C ARG A 422 -10.14 -0.10 -2.05
N ASP A 423 -8.84 -0.31 -1.92
CA ASP A 423 -7.99 -0.16 -3.10
C ASP A 423 -6.93 -1.20 -3.08
N VAL A 424 -6.86 -2.01 -2.01
CA VAL A 424 -5.99 -3.25 -2.04
C VAL A 424 -6.83 -4.41 -1.55
N VAL A 425 -6.90 -5.52 -2.33
CA VAL A 425 -7.73 -6.63 -1.93
C VAL A 425 -6.95 -7.97 -1.91
N SER A 426 -7.13 -8.85 -0.91
CA SER A 426 -6.56 -10.21 -1.06
C SER A 426 -7.30 -10.93 -2.18
N THR A 427 -6.60 -11.61 -3.05
CA THR A 427 -7.27 -12.49 -4.07
C THR A 427 -7.43 -13.92 -3.51
N GLY A 428 -7.03 -14.10 -2.27
CA GLY A 428 -7.40 -15.35 -1.55
C GLY A 428 -6.67 -16.65 -1.98
N ALA A 429 -7.32 -17.77 -1.77
CA ALA A 429 -6.60 -19.01 -1.83
C ALA A 429 -7.32 -19.75 -3.01
N PRO A 430 -6.67 -20.75 -3.62
CA PRO A 430 -7.35 -21.36 -4.78
C PRO A 430 -8.80 -21.75 -4.50
N GLY A 431 -9.68 -21.39 -5.42
CA GLY A 431 -11.09 -21.61 -5.31
C GLY A 431 -11.84 -20.29 -5.10
N ASP A 432 -11.19 -19.30 -4.47
CA ASP A 432 -11.76 -17.98 -4.39
C ASP A 432 -11.99 -17.34 -5.79
N ASN A 433 -12.87 -16.36 -5.92
CA ASN A 433 -12.95 -15.59 -7.14
C ASN A 433 -13.27 -14.16 -6.75
N VAL A 434 -12.27 -13.53 -6.10
CA VAL A 434 -12.36 -12.14 -5.76
C VAL A 434 -12.72 -11.29 -6.98
N THR A 435 -13.78 -10.49 -6.84
CA THR A 435 -14.37 -9.72 -7.88
C THR A 435 -14.60 -8.31 -7.45
N ILE A 436 -14.10 -7.40 -8.29
CA ILE A 436 -14.11 -6.00 -7.92
C ILE A 436 -14.84 -5.22 -9.00
N ARG A 437 -15.39 -4.06 -8.68
CA ARG A 437 -16.04 -3.21 -9.70
C ARG A 437 -15.59 -1.78 -9.46
N PHE A 438 -15.30 -1.03 -10.54
CA PHE A 438 -15.02 0.36 -10.32
C PHE A 438 -15.54 1.19 -11.47
N ARG A 439 -15.45 2.50 -11.33
CA ARG A 439 -15.95 3.32 -12.41
C ARG A 439 -14.72 3.96 -13.07
N THR A 440 -14.75 4.09 -14.37
CA THR A 440 -13.69 4.78 -15.09
C THR A 440 -13.91 6.26 -15.11
N ASP A 441 -13.54 6.91 -14.01
CA ASP A 441 -13.73 8.34 -13.86
C ASP A 441 -12.39 9.06 -13.88
N ASN A 442 -11.36 8.40 -14.43
CA ASN A 442 -10.03 8.91 -14.18
C ASN A 442 -9.08 8.59 -15.32
N PRO A 443 -9.08 9.42 -16.39
CA PRO A 443 -8.30 9.14 -17.58
C PRO A 443 -6.86 8.91 -17.28
N GLY A 444 -6.35 7.78 -17.78
CA GLY A 444 -4.89 7.52 -17.73
C GLY A 444 -4.45 6.09 -17.56
N PRO A 445 -3.12 5.84 -17.63
CA PRO A 445 -2.71 4.46 -17.43
C PRO A 445 -2.57 4.18 -15.98
N TRP A 446 -3.24 3.14 -15.54
CA TRP A 446 -3.24 2.83 -14.08
C TRP A 446 -2.77 1.41 -13.87
N PHE A 447 -1.82 1.22 -13.00
CA PHE A 447 -1.28 -0.16 -12.72
C PHE A 447 -2.31 -0.97 -11.94
N LEU A 448 -2.50 -2.23 -12.31
CA LEU A 448 -3.25 -3.17 -11.50
C LEU A 448 -2.28 -4.32 -11.25
N HIS A 449 -1.91 -4.57 -10.00
CA HIS A 449 -0.93 -5.62 -9.79
C HIS A 449 -0.76 -6.06 -8.36
N CYS A 450 0.12 -7.06 -8.18
CA CYS A 450 0.26 -7.66 -6.88
C CYS A 450 1.23 -6.88 -6.01
N HIS A 451 0.75 -6.52 -4.79
CA HIS A 451 1.56 -5.74 -3.83
C HIS A 451 2.51 -6.53 -2.95
N ILE A 452 2.57 -7.85 -3.17
CA ILE A 452 3.83 -8.55 -2.93
C ILE A 452 4.85 -8.02 -3.97
N ASP A 453 5.82 -7.21 -3.49
CA ASP A 453 6.80 -6.57 -4.38
C ASP A 453 7.73 -7.49 -5.13
N PHE A 454 8.05 -8.63 -4.50
CA PHE A 454 8.85 -9.67 -5.12
C PHE A 454 8.08 -10.35 -6.29
N HIS A 455 6.75 -10.22 -6.27
CA HIS A 455 5.90 -10.75 -7.34
C HIS A 455 5.74 -9.78 -8.53
N LEU A 456 5.51 -8.48 -8.25
CA LEU A 456 5.43 -7.48 -9.30
C LEU A 456 6.79 -7.39 -10.03
N GLU A 457 7.87 -7.51 -9.25
CA GLU A 457 9.24 -7.66 -9.82
C GLU A 457 9.27 -8.85 -10.84
N ALA A 458 8.53 -9.92 -10.50
CA ALA A 458 8.48 -11.11 -11.33
C ALA A 458 7.28 -11.09 -12.35
N GLY A 459 6.67 -9.93 -12.62
CA GLY A 459 5.81 -9.73 -13.80
C GLY A 459 4.30 -9.66 -13.51
N PHE A 460 3.94 -9.68 -12.23
CA PHE A 460 2.58 -9.97 -11.80
C PHE A 460 1.73 -8.72 -11.85
N ALA A 461 1.58 -8.20 -13.03
CA ALA A 461 0.95 -6.86 -13.21
C ALA A 461 0.41 -6.65 -14.57
N VAL A 462 -0.66 -5.83 -14.60
CA VAL A 462 -1.21 -5.34 -15.83
C VAL A 462 -1.43 -3.84 -15.75
N VAL A 463 -1.61 -3.18 -16.90
CA VAL A 463 -1.89 -1.69 -16.91
C VAL A 463 -3.24 -1.47 -17.40
N MET A 464 -4.08 -0.74 -16.67
CA MET A 464 -5.41 -0.35 -17.21
C MET A 464 -5.18 1.04 -17.87
N ALA A 465 -5.30 1.11 -19.16
CA ALA A 465 -5.09 2.35 -19.88
C ALA A 465 -6.49 2.95 -20.01
N GLU A 466 -6.78 3.83 -19.10
CA GLU A 466 -8.16 4.23 -18.96
C GLU A 466 -8.43 5.46 -19.82
N ASP A 467 -9.36 5.33 -20.75
CA ASP A 467 -9.83 6.47 -21.54
C ASP A 467 -8.70 7.15 -22.33
N ILE A 468 -8.01 6.32 -23.12
CA ILE A 468 -6.83 6.77 -23.82
C ILE A 468 -7.08 8.07 -24.58
N PRO A 469 -8.25 8.22 -25.25
CA PRO A 469 -8.35 9.42 -26.05
C PRO A 469 -8.27 10.65 -25.22
N ASP A 470 -8.58 10.57 -23.94
CA ASP A 470 -8.57 11.80 -23.10
C ASP A 470 -7.37 11.97 -22.14
N VAL A 471 -6.38 11.07 -22.20
CA VAL A 471 -5.26 11.07 -21.29
C VAL A 471 -4.45 12.31 -21.43
N ALA A 472 -4.03 12.65 -22.65
CA ALA A 472 -3.17 13.81 -22.82
C ALA A 472 -3.82 15.08 -22.36
N ALA A 473 -5.05 15.31 -22.78
CA ALA A 473 -5.76 16.56 -22.40
C ALA A 473 -6.08 16.65 -20.88
N THR A 474 -6.33 15.49 -20.24
CA THR A 474 -6.75 15.52 -18.82
C THR A 474 -5.53 15.65 -17.90
N ASN A 475 -4.33 15.22 -18.35
CA ASN A 475 -3.12 15.15 -17.52
C ASN A 475 -1.92 15.98 -18.07
N PRO A 476 -2.05 17.34 -18.11
CA PRO A 476 -0.95 18.10 -18.71
C PRO A 476 0.30 17.87 -17.83
N VAL A 477 1.41 17.57 -18.47
CA VAL A 477 2.61 17.15 -17.70
C VAL A 477 3.51 18.38 -17.44
N PRO A 478 4.09 18.48 -16.23
CA PRO A 478 5.05 19.57 -16.11
C PRO A 478 6.43 19.33 -16.82
N GLN A 479 7.17 20.39 -17.12
N GLN A 479 7.12 20.44 -17.08
CA GLN A 479 8.43 20.13 -17.85
CA GLN A 479 8.44 20.44 -17.72
C GLN A 479 9.39 19.25 -17.06
C GLN A 479 9.37 19.40 -17.08
N ALA A 480 9.41 19.39 -15.75
CA ALA A 480 10.31 18.49 -14.98
C ALA A 480 9.94 17.02 -15.24
N TRP A 481 8.65 16.72 -15.37
CA TRP A 481 8.24 15.35 -15.77
C TRP A 481 8.80 14.93 -17.15
N SER A 482 8.66 15.81 -18.13
CA SER A 482 9.14 15.52 -19.47
C SER A 482 10.63 15.34 -19.57
N ASP A 483 11.41 15.93 -18.64
N ASP A 483 11.32 15.88 -18.58
CA ASP A 483 12.88 15.72 -18.66
CA ASP A 483 12.75 15.83 -18.55
C ASP A 483 13.34 14.45 -18.00
C ASP A 483 13.30 14.60 -17.87
N LEU A 484 12.43 13.74 -17.34
CA LEU A 484 12.91 12.63 -16.48
C LEU A 484 13.48 11.58 -17.40
N CYS A 485 12.78 11.32 -18.50
CA CYS A 485 13.19 10.26 -19.36
C CYS A 485 14.57 10.49 -20.08
N PRO A 486 14.78 11.65 -20.71
CA PRO A 486 16.07 11.86 -21.40
C PRO A 486 17.18 11.75 -20.38
N THR A 487 16.95 12.29 -19.17
CA THR A 487 17.99 12.25 -18.05
C THR A 487 18.21 10.83 -17.58
N TYR A 488 17.13 10.13 -17.29
CA TYR A 488 17.29 8.71 -16.97
C TYR A 488 18.03 7.96 -18.09
N ASP A 489 17.64 8.16 -19.36
CA ASP A 489 18.08 7.24 -20.41
C ASP A 489 19.57 7.50 -20.69
N ALA A 490 20.04 8.67 -20.29
CA ALA A 490 21.46 9.01 -20.45
C ALA A 490 22.35 8.31 -19.44
N LEU A 491 21.79 7.77 -18.36
CA LEU A 491 22.61 7.11 -17.31
C LEU A 491 23.27 5.87 -17.84
N SER A 492 24.50 5.66 -17.41
CA SER A 492 25.09 4.39 -17.65
C SER A 492 24.39 3.39 -16.71
N PRO A 493 24.29 2.09 -17.08
CA PRO A 493 23.58 1.18 -16.20
C PRO A 493 24.04 1.15 -14.74
N ASP A 494 25.34 1.36 -14.45
CA ASP A 494 25.83 1.26 -13.07
C ASP A 494 25.31 2.39 -12.18
N ASP A 495 24.86 3.47 -12.80
CA ASP A 495 24.29 4.61 -12.13
C ASP A 495 22.76 4.58 -12.04
N GLN A 496 22.12 3.51 -12.54
CA GLN A 496 20.67 3.45 -12.52
C GLN A 496 20.28 3.09 -11.06
C1 NAG B . 24.88 -1.11 -0.98
C2 NAG B . 26.00 -1.28 0.06
C3 NAG B . 26.37 -2.73 0.31
C4 NAG B . 25.08 -3.48 0.65
C5 NAG B . 23.98 -3.14 -0.38
C6 NAG B . 22.65 -3.77 -0.02
C7 NAG B . 27.84 0.37 0.44
C8 NAG B . 29.06 0.96 -0.24
N2 NAG B . 27.19 -0.54 -0.32
O3 NAG B . 27.31 -2.77 1.38
O4 NAG B . 25.17 -4.86 0.55
O5 NAG B . 23.74 -1.75 -0.50
O6 NAG B . 22.27 -3.13 1.18
O7 NAG B . 27.56 0.74 1.60
C1 NAG B . 25.95 -5.52 1.62
C2 NAG B . 25.10 -6.54 2.37
C3 NAG B . 25.95 -7.41 3.35
C4 NAG B . 27.29 -7.90 2.76
C5 NAG B . 27.99 -6.71 2.14
C6 NAG B . 29.43 -7.00 1.65
C7 NAG B . 22.67 -6.15 2.67
C8 NAG B . 21.60 -5.39 3.40
N2 NAG B . 23.93 -5.85 3.02
O3 NAG B . 25.23 -8.54 3.82
O4 NAG B . 28.12 -8.53 3.80
O5 NAG B . 27.14 -6.14 1.13
O6 NAG B . 29.36 -7.41 0.33
O7 NAG B . 22.35 -7.06 1.87
C1 NAG C . -14.48 -16.17 -11.76
C2 NAG C . -14.60 -17.44 -12.63
C3 NAG C . -14.47 -17.02 -14.08
C4 NAG C . -15.64 -16.09 -14.40
C5 NAG C . -15.37 -14.85 -13.54
C6 NAG C . -16.43 -13.78 -13.77
C7 NAG C . -13.68 -19.38 -11.43
C8 NAG C . -12.50 -20.29 -11.33
N2 NAG C . -13.56 -18.42 -12.34
O3 NAG C . -14.59 -18.12 -14.92
O4 NAG C . -15.55 -15.88 -15.80
O5 NAG C . -15.46 -15.20 -12.16
O6 NAG C . -17.74 -14.30 -13.65
O7 NAG C . -14.67 -19.53 -10.70
C1 NAG C . -16.80 -15.99 -16.49
C2 NAG C . -16.65 -15.31 -17.87
C3 NAG C . -17.69 -15.62 -19.00
C4 NAG C . -18.45 -16.94 -18.84
C5 NAG C . -18.53 -17.38 -17.36
C6 NAG C . -19.09 -18.79 -17.22
C7 NAG C . -15.45 -13.21 -18.00
C8 NAG C . -15.43 -11.71 -17.79
N2 NAG C . -16.57 -13.87 -17.67
O3 NAG C . -17.02 -15.70 -20.24
O4 NAG C . -19.75 -16.80 -19.42
O5 NAG C . -17.24 -17.31 -16.70
O6 NAG C . -18.11 -19.68 -17.74
O7 NAG C . -14.48 -13.81 -18.45
CU CU D . 1.63 -11.98 -5.35
CU CU E . 1.23 0.82 -2.88
CU CU F . 1.52 -0.23 -7.49
#